data_5U5P
#
_entry.id   5U5P
#
_cell.length_a   77.215
_cell.length_b   89.071
_cell.length_c   99.139
_cell.angle_alpha   90.00
_cell.angle_beta   90.00
_cell.angle_gamma   90.00
#
_symmetry.space_group_name_H-M   'P 21 21 21'
#
loop_
_entity.id
_entity.type
_entity.pdbx_description
1 polymer 'DNA mismatch repair protein Mlh1'
2 polymer 'Importin subunit alpha-1'
3 non-polymer 2,3-DIHYDROXY-1,4-DITHIOBUTANE
4 water water
#
loop_
_entity_poly.entity_id
_entity_poly.type
_entity_poly.pdbx_seq_one_letter_code
_entity_poly.pdbx_strand_id
1 'polypeptide(L)' SNPRKRHRED C,B
2 'polypeptide(L)'
;MHHHHHHSSGLVPRGSGMKETAAAKFERQHMDSPDLGTDDDDKAMADIGSNQGTVNWSVEDIVKGINSNNLESQLQATQA
ARKLLSREKQPPIDNIIRAGLIPKFVSFLGKTDCSPIQFESAWALTNIASGTSEQTKAVVDGGAIPAFISLLASPHAHIS
EQAVWALGNIAGDGSAFRDLVIKHGAIDPLLALLAVPDLSTLACGYLRNLTWTLSNLCRNKNPAPPLDAVEQILPTLVRL
LHHNDPEVLADSCWAISYLTDGPNERIEMVVKKGVVPQLVKLLGATELPIVTPALRAIGNIVTGTDEQTQKVIDAGALAV
FPSLLTNPKTNIQKEATWTMSNITAGRQDQIQQVVNHGLVPFLVGVLSKADFKTQKEAAWAITNYTSGGTVEQIVYLVHC
GIIEPLMNLLSAKDTKIIQVILDAISNIFQAAEKLGETEKLSIMIEECGGLDKIEALQRHENESVYKASLNLIEKYFSVE
EEEDQNVVPETTSEGFAFQVQDGAPGTFNF
;
A
#
loop_
_chem_comp.id
_chem_comp.type
_chem_comp.name
_chem_comp.formula
DTT non-polymer 2,3-DIHYDROXY-1,4-DITHIOBUTANE 'C4 H10 O2 S2'
#
# COMPACT_ATOMS: atom_id res chain seq x y z
N SER A 1 -8.96 13.53 13.72
CA SER A 1 -9.96 13.19 14.75
C SER A 1 -9.41 12.18 15.77
N ASN A 2 -8.09 12.26 16.03
CA ASN A 2 -7.31 11.63 17.09
C ASN A 2 -5.85 11.96 16.82
N PRO A 3 -5.30 12.96 17.53
CA PRO A 3 -3.94 13.43 17.21
C PRO A 3 -2.86 12.43 17.56
N ARG A 4 -3.19 11.37 18.28
CA ARG A 4 -2.20 10.37 18.64
C ARG A 4 -1.94 9.38 17.51
N LYS A 5 -2.83 9.31 16.53
CA LYS A 5 -2.61 8.44 15.38
C LYS A 5 -1.40 8.91 14.59
N ARG A 6 -0.69 7.96 13.99
CA ARG A 6 0.49 8.23 13.19
C ARG A 6 0.33 7.63 11.81
N HIS A 7 0.77 8.35 10.79
CA HIS A 7 0.89 7.78 9.45
C HIS A 7 2.24 7.07 9.33
N ARG A 8 2.47 6.39 8.20
CA ARG A 8 3.66 5.57 8.06
C ARG A 8 4.94 6.40 8.14
N GLU A 9 6.00 5.77 8.67
CA GLU A 9 7.32 6.40 8.76
C GLU A 9 8.36 5.56 8.03
CA SER B 1 2.08 -0.96 -4.09
C SER B 1 2.84 -2.14 -4.70
N ASN B 2 2.12 -2.92 -5.51
CA ASN B 2 2.79 -3.80 -6.46
C ASN B 2 3.11 -2.86 -7.67
N PRO B 3 3.53 -3.35 -8.84
CA PRO B 3 4.23 -2.43 -9.76
C PRO B 3 3.28 -1.39 -10.35
N ARG B 4 3.79 -0.18 -10.48
CA ARG B 4 3.03 0.90 -11.11
C ARG B 4 2.72 0.59 -12.56
N LYS B 5 3.64 -0.07 -13.25
CA LYS B 5 3.54 -0.33 -14.68
C LYS B 5 3.98 -1.76 -14.94
N ARG B 6 3.45 -2.33 -16.01
CA ARG B 6 3.67 -3.73 -16.33
C ARG B 6 4.01 -3.85 -17.79
N HIS B 7 5.11 -4.53 -18.06
CA HIS B 7 5.58 -4.80 -19.41
C HIS B 7 5.05 -6.15 -19.85
N ARG B 8 4.62 -6.27 -21.11
CA ARG B 8 4.10 -7.54 -21.62
C ARG B 8 5.16 -8.22 -22.48
N GLU B 9 5.72 -9.31 -21.95
CA GLU B 9 6.71 -10.11 -22.69
C GLU B 9 6.04 -11.10 -23.63
N ASP B 10 4.91 -11.64 -23.21
CA ASP B 10 4.16 -12.73 -23.84
C ASP B 10 4.74 -13.23 -25.17
N GLY C 53 10.05 -14.58 -38.99
CA GLY C 53 9.30 -13.74 -39.91
C GLY C 53 9.33 -12.28 -39.52
N THR C 54 8.72 -11.95 -38.37
CA THR C 54 8.82 -10.62 -37.78
C THR C 54 9.77 -10.58 -36.58
N VAL C 55 10.66 -11.56 -36.46
CA VAL C 55 11.57 -11.63 -35.32
C VAL C 55 12.84 -10.84 -35.63
N ASN C 56 13.22 -9.97 -34.70
CA ASN C 56 14.52 -9.29 -34.71
C ASN C 56 14.67 -8.34 -35.91
N TRP C 57 13.64 -7.56 -36.21
CA TRP C 57 13.81 -6.52 -37.22
C TRP C 57 14.64 -5.37 -36.66
N SER C 58 15.20 -4.60 -37.57
CA SER C 58 15.78 -3.33 -37.18
C SER C 58 14.69 -2.27 -37.11
N VAL C 59 14.94 -1.22 -36.32
CA VAL C 59 13.99 -0.12 -36.24
C VAL C 59 13.80 0.52 -37.60
N GLU C 60 14.87 0.60 -38.38
CA GLU C 60 14.79 1.12 -39.73
C GLU C 60 13.83 0.31 -40.59
N ASP C 61 13.92 -1.03 -40.52
CA ASP C 61 12.99 -1.87 -41.27
C ASP C 61 11.56 -1.68 -40.79
N ILE C 62 11.37 -1.58 -39.47
CA ILE C 62 10.04 -1.34 -38.92
C ILE C 62 9.47 -0.05 -39.51
N VAL C 63 10.28 1.01 -39.50
CA VAL C 63 9.85 2.30 -40.04
C VAL C 63 9.49 2.16 -41.51
N LYS C 64 10.35 1.49 -42.28
CA LYS C 64 10.09 1.25 -43.69
C LYS C 64 8.72 0.62 -43.89
N GLY C 65 8.42 -0.43 -43.13
CA GLY C 65 7.15 -1.12 -43.30
C GLY C 65 5.97 -0.28 -42.86
N ILE C 66 6.11 0.43 -41.74
CA ILE C 66 5.00 1.23 -41.23
C ILE C 66 4.73 2.42 -42.14
N ASN C 67 5.75 2.94 -42.81
CA ASN C 67 5.59 4.04 -43.77
C ASN C 67 5.21 3.59 -45.16
N SER C 68 5.19 2.29 -45.44
CA SER C 68 4.59 1.82 -46.67
C SER C 68 3.10 2.16 -46.63
N ASN C 69 2.47 2.29 -47.79
CA ASN C 69 1.02 2.47 -47.68
C ASN C 69 0.30 1.15 -47.97
N ASN C 70 0.80 0.12 -47.30
CA ASN C 70 0.33 -1.24 -47.47
C ASN C 70 -0.03 -1.72 -46.07
N LEU C 71 -1.33 -1.85 -45.81
CA LEU C 71 -1.80 -2.19 -44.47
C LEU C 71 -1.17 -3.49 -43.99
N GLU C 72 -0.95 -4.44 -44.91
CA GLU C 72 -0.37 -5.70 -44.48
C GLU C 72 1.11 -5.55 -44.16
N SER C 73 1.83 -4.70 -44.92
CA SER C 73 3.22 -4.41 -44.57
C SER C 73 3.29 -3.65 -43.25
N GLN C 74 2.38 -2.71 -43.05
CA GLN C 74 2.30 -2.01 -41.76
C GLN C 74 2.06 -3.00 -40.62
N LEU C 75 1.13 -3.95 -40.83
CA LEU C 75 0.83 -4.91 -39.78
C LEU C 75 2.06 -5.72 -39.42
N GLN C 76 2.78 -6.22 -40.44
CA GLN C 76 3.96 -7.03 -40.15
C GLN C 76 5.02 -6.20 -39.45
N ALA C 77 5.21 -4.97 -39.88
CA ALA C 77 6.19 -4.11 -39.21
C ALA C 77 5.74 -3.79 -37.79
N THR C 78 4.44 -3.61 -37.58
CA THR C 78 3.97 -3.29 -36.23
C THR C 78 4.18 -4.47 -35.30
N GLN C 79 3.94 -5.68 -35.80
CA GLN C 79 4.20 -6.88 -35.01
C GLN C 79 5.68 -7.00 -34.72
N ALA C 80 6.53 -6.67 -35.70
CA ALA C 80 7.97 -6.69 -35.46
C ALA C 80 8.36 -5.67 -34.39
N ALA C 81 7.77 -4.47 -34.45
CA ALA C 81 7.95 -3.52 -33.35
C ALA C 81 7.52 -4.13 -32.02
N ARG C 82 6.40 -4.85 -32.01
CA ARG C 82 5.89 -5.37 -30.74
C ARG C 82 6.82 -6.44 -30.19
N LYS C 83 7.37 -7.29 -31.05
CA LYS C 83 8.28 -8.32 -30.58
C LYS C 83 9.57 -7.70 -30.05
N LEU C 84 10.08 -6.68 -30.75
CA LEU C 84 11.21 -5.90 -30.23
C LEU C 84 10.92 -5.34 -28.85
N LEU C 85 9.75 -4.71 -28.69
CA LEU C 85 9.39 -4.07 -27.43
C LEU C 85 9.06 -5.09 -26.36
N SER C 86 8.86 -6.35 -26.74
CA SER C 86 8.49 -7.41 -25.82
C SER C 86 9.66 -8.11 -25.16
N ARG C 87 10.89 -7.84 -25.60
CA ARG C 87 12.02 -8.53 -25.01
C ARG C 87 12.35 -7.93 -23.65
N GLU C 88 12.79 -8.80 -22.73
CA GLU C 88 12.99 -8.38 -21.34
C GLU C 88 14.27 -7.55 -21.19
N LYS C 89 15.29 -7.83 -22.00
CA LYS C 89 16.55 -7.13 -21.93
C LYS C 89 16.50 -5.92 -22.86
N GLN C 90 16.49 -4.72 -22.26
CA GLN C 90 16.58 -3.43 -22.93
C GLN C 90 15.73 -3.35 -24.19
N PRO C 91 14.42 -3.39 -24.10
CA PRO C 91 13.60 -3.12 -25.28
C PRO C 91 13.91 -1.73 -25.81
N PRO C 92 14.11 -1.58 -27.11
CA PRO C 92 14.51 -0.28 -27.65
C PRO C 92 13.40 0.74 -27.67
N ILE C 93 12.84 1.05 -26.49
CA ILE C 93 11.72 1.98 -26.41
C ILE C 93 12.09 3.33 -27.02
N ASP C 94 13.23 3.89 -26.61
CA ASP C 94 13.56 5.25 -27.04
C ASP C 94 13.84 5.30 -28.54
N ASN C 95 14.48 4.26 -29.09
CA ASN C 95 14.67 4.19 -30.53
C ASN C 95 13.33 4.16 -31.26
N ILE C 96 12.40 3.34 -30.78
CA ILE C 96 11.06 3.32 -31.35
C ILE C 96 10.44 4.72 -31.28
N ILE C 97 10.53 5.35 -30.11
CA ILE C 97 9.98 6.69 -29.97
C ILE C 97 10.67 7.65 -30.92
N ARG C 98 12.01 7.61 -30.93
CA ARG C 98 12.76 8.54 -31.77
C ARG C 98 12.39 8.40 -33.24
N ALA C 99 12.05 7.18 -33.68
CA ALA C 99 11.66 6.97 -35.07
C ALA C 99 10.30 7.57 -35.40
N GLY C 100 9.62 8.21 -34.45
CA GLY C 100 8.31 8.77 -34.75
C GLY C 100 7.20 7.75 -34.91
N LEU C 101 7.33 6.57 -34.33
CA LEU C 101 6.36 5.50 -34.55
C LEU C 101 5.10 5.63 -33.71
N ILE C 102 5.14 6.32 -32.57
CA ILE C 102 3.99 6.36 -31.67
C ILE C 102 2.74 6.87 -32.37
N PRO C 103 2.78 8.01 -33.10
CA PRO C 103 1.55 8.44 -33.80
C PRO C 103 1.03 7.41 -34.76
N LYS C 104 1.91 6.63 -35.39
CA LYS C 104 1.46 5.61 -36.32
C LYS C 104 0.75 4.50 -35.57
N PHE C 105 1.37 4.01 -34.48
CA PHE C 105 0.74 3.02 -33.64
C PHE C 105 -0.63 3.50 -33.17
N VAL C 106 -0.69 4.74 -32.68
CA VAL C 106 -1.95 5.29 -32.20
C VAL C 106 -2.99 5.28 -33.32
N SER C 107 -2.61 5.73 -34.53
CA SER C 107 -3.59 5.67 -35.62
C SER C 107 -3.98 4.21 -35.92
N PHE C 108 -3.08 3.25 -35.73
CA PHE C 108 -3.45 1.86 -35.97
C PHE C 108 -4.48 1.36 -34.96
N LEU C 109 -4.50 1.94 -33.76
CA LEU C 109 -5.51 1.59 -32.77
C LEU C 109 -6.92 1.82 -33.30
N GLY C 110 -7.08 2.75 -34.22
CA GLY C 110 -8.38 3.06 -34.79
C GLY C 110 -8.80 2.20 -35.97
N LYS C 111 -7.94 1.29 -36.44
CA LYS C 111 -8.26 0.52 -37.63
C LYS C 111 -9.14 -0.67 -37.25
N THR C 112 -10.43 -0.39 -37.06
CA THR C 112 -11.41 -1.44 -36.74
C THR C 112 -11.42 -2.52 -37.81
N ASP C 113 -11.15 -2.13 -39.06
CA ASP C 113 -11.10 -3.05 -40.18
C ASP C 113 -9.97 -4.06 -40.07
N CYS C 114 -8.97 -3.80 -39.25
CA CYS C 114 -7.78 -4.66 -39.15
C CYS C 114 -7.48 -4.88 -37.66
N SER C 115 -8.26 -5.76 -37.04
CA SER C 115 -8.08 -6.02 -35.62
C SER C 115 -6.66 -6.48 -35.27
N PRO C 116 -5.94 -7.27 -36.08
CA PRO C 116 -4.57 -7.63 -35.67
C PRO C 116 -3.66 -6.43 -35.53
N ILE C 117 -3.79 -5.40 -36.37
CA ILE C 117 -2.88 -4.27 -36.20
C ILE C 117 -3.30 -3.43 -34.99
N GLN C 118 -4.60 -3.42 -34.66
CA GLN C 118 -5.02 -2.82 -33.40
C GLN C 118 -4.33 -3.50 -32.24
N PHE C 119 -4.32 -4.84 -32.24
CA PHE C 119 -3.72 -5.58 -31.15
C PHE C 119 -2.22 -5.37 -31.08
N GLU C 120 -1.54 -5.47 -32.24
CA GLU C 120 -0.09 -5.31 -32.26
C GLU C 120 0.32 -3.90 -31.80
N SER C 121 -0.36 -2.87 -32.31
CA SER C 121 -0.01 -1.53 -31.89
C SER C 121 -0.40 -1.30 -30.43
N ALA C 122 -1.54 -1.87 -30.00
CA ALA C 122 -1.91 -1.77 -28.59
C ALA C 122 -0.85 -2.37 -27.68
N TRP C 123 -0.33 -3.53 -28.08
CA TRP C 123 0.72 -4.19 -27.32
C TRP C 123 2.02 -3.39 -27.34
N ALA C 124 2.40 -2.91 -28.52
CA ALA C 124 3.58 -2.06 -28.64
C ALA C 124 3.45 -0.81 -27.78
N LEU C 125 2.31 -0.15 -27.85
CA LEU C 125 2.13 1.08 -27.08
C LEU C 125 2.12 0.78 -25.60
N THR C 126 1.53 -0.36 -25.23
CA THR C 126 1.54 -0.79 -23.83
C THR C 126 2.97 -0.87 -23.31
N ASN C 127 3.87 -1.44 -24.10
CA ASN C 127 5.22 -1.64 -23.58
C ASN C 127 6.02 -0.34 -23.59
N ILE C 128 5.82 0.53 -24.57
CA ILE C 128 6.38 1.88 -24.44
C ILE C 128 5.86 2.55 -23.17
N ALA C 129 4.55 2.47 -22.93
CA ALA C 129 3.96 3.10 -21.75
C ALA C 129 4.37 2.42 -20.45
N SER C 130 4.93 1.21 -20.51
CA SER C 130 5.44 0.52 -19.34
C SER C 130 6.77 1.08 -18.85
N GLY C 131 7.34 2.06 -19.57
CA GLY C 131 8.68 2.51 -19.27
C GLY C 131 8.73 3.67 -18.29
N THR C 132 9.65 4.59 -18.55
CA THR C 132 9.78 5.81 -17.77
C THR C 132 8.57 6.71 -17.98
N SER C 133 8.45 7.72 -17.09
CA SER C 133 7.40 8.71 -17.25
C SER C 133 7.50 9.39 -18.60
N GLU C 134 8.71 9.73 -19.03
CA GLU C 134 8.88 10.34 -20.34
C GLU C 134 8.44 9.40 -21.46
N GLN C 135 8.66 8.10 -21.28
CA GLN C 135 8.20 7.16 -22.29
C GLN C 135 6.68 7.02 -22.25
N THR C 136 6.11 6.94 -21.06
CA THR C 136 4.65 6.97 -20.95
C THR C 136 4.09 8.26 -21.53
N LYS C 137 4.74 9.39 -21.23
CA LYS C 137 4.28 10.67 -21.76
C LYS C 137 4.23 10.67 -23.28
N ALA C 138 5.21 10.04 -23.91
CA ALA C 138 5.22 10.01 -25.38
C ALA C 138 3.98 9.28 -25.90
N VAL C 139 3.54 8.25 -25.18
CA VAL C 139 2.33 7.54 -25.57
C VAL C 139 1.12 8.43 -25.41
N VAL C 140 0.98 9.05 -24.23
CA VAL C 140 -0.08 10.01 -24.00
C VAL C 140 -0.03 11.13 -25.04
N ASP C 141 1.16 11.67 -25.29
CA ASP C 141 1.28 12.77 -26.24
C ASP C 141 0.81 12.37 -27.64
N GLY C 142 0.90 11.09 -27.99
CA GLY C 142 0.45 10.65 -29.28
C GLY C 142 -1.05 10.49 -29.39
N GLY C 143 -1.80 10.88 -28.36
CA GLY C 143 -3.24 10.72 -28.39
C GLY C 143 -3.73 9.33 -28.02
N ALA C 144 -2.90 8.51 -27.38
CA ALA C 144 -3.27 7.12 -27.13
C ALA C 144 -4.44 6.97 -26.16
N ILE C 145 -4.61 7.90 -25.22
CA ILE C 145 -5.63 7.69 -24.19
C ILE C 145 -7.03 7.52 -24.79
N PRO C 146 -7.58 8.48 -25.56
CA PRO C 146 -8.93 8.24 -26.10
C PRO C 146 -8.97 7.07 -27.05
N ALA C 147 -7.87 6.81 -27.75
CA ALA C 147 -7.85 5.67 -28.65
C ALA C 147 -7.88 4.35 -27.87
N PHE C 148 -7.16 4.29 -26.75
CA PHE C 148 -7.25 3.10 -25.92
C PHE C 148 -8.63 2.96 -25.29
N ILE C 149 -9.24 4.07 -24.89
CA ILE C 149 -10.56 3.99 -24.29
C ILE C 149 -11.57 3.49 -25.31
N SER C 150 -11.43 3.88 -26.58
CA SER C 150 -12.28 3.35 -27.63
C SER C 150 -12.08 1.84 -27.79
N LEU C 151 -10.86 1.36 -27.65
CA LEU C 151 -10.61 -0.06 -27.79
C LEU C 151 -11.23 -0.89 -26.67
N LEU C 152 -11.59 -0.28 -25.55
CA LEU C 152 -12.26 -1.04 -24.49
C LEU C 152 -13.56 -1.66 -24.98
N ALA C 153 -14.18 -1.07 -25.99
CA ALA C 153 -15.41 -1.57 -26.57
C ALA C 153 -15.18 -2.62 -27.66
N SER C 154 -13.94 -3.00 -27.92
CA SER C 154 -13.66 -3.94 -28.99
C SER C 154 -14.38 -5.27 -28.74
N PRO C 155 -14.92 -5.90 -29.78
CA PRO C 155 -15.46 -7.26 -29.63
C PRO C 155 -14.40 -8.31 -29.44
N HIS C 156 -13.13 -7.99 -29.65
CA HIS C 156 -12.05 -8.95 -29.47
C HIS C 156 -11.50 -8.79 -28.06
N ALA C 157 -11.66 -9.84 -27.26
CA ALA C 157 -11.26 -9.77 -25.86
C ALA C 157 -9.79 -9.44 -25.73
N HIS C 158 -8.95 -10.05 -26.57
CA HIS C 158 -7.52 -9.83 -26.40
C HIS C 158 -7.13 -8.39 -26.72
N ILE C 159 -7.96 -7.67 -27.47
CA ILE C 159 -7.68 -6.28 -27.81
C ILE C 159 -8.18 -5.32 -26.73
N SER C 160 -9.40 -5.53 -26.22
CA SER C 160 -9.85 -4.68 -25.13
C SER C 160 -8.99 -4.91 -23.90
N GLU C 161 -8.57 -6.16 -23.68
CA GLU C 161 -7.64 -6.46 -22.59
C GLU C 161 -6.33 -5.69 -22.74
N GLN C 162 -5.78 -5.68 -23.96
CA GLN C 162 -4.54 -4.92 -24.17
C GLN C 162 -4.76 -3.44 -23.91
N ALA C 163 -5.92 -2.94 -24.29
CA ALA C 163 -6.25 -1.55 -24.03
C ALA C 163 -6.41 -1.29 -22.53
N VAL C 164 -7.03 -2.24 -21.81
CA VAL C 164 -7.09 -2.16 -20.34
C VAL C 164 -5.68 -2.04 -19.76
N TRP C 165 -4.80 -2.94 -20.17
CA TRP C 165 -3.41 -2.94 -19.72
C TRP C 165 -2.72 -1.60 -20.05
N ALA C 166 -2.87 -1.14 -21.27
CA ALA C 166 -2.21 0.12 -21.65
C ALA C 166 -2.71 1.28 -20.80
N LEU C 167 -4.03 1.35 -20.58
CA LEU C 167 -4.55 2.42 -19.74
C LEU C 167 -4.03 2.29 -18.31
N GLY C 168 -3.84 1.05 -17.85
CA GLY C 168 -3.25 0.84 -16.54
C GLY C 168 -1.82 1.36 -16.44
N ASN C 169 -1.01 1.13 -17.47
CA ASN C 169 0.34 1.67 -17.49
C ASN C 169 0.33 3.19 -17.48
N ILE C 170 -0.56 3.79 -18.27
CA ILE C 170 -0.64 5.24 -18.33
C ILE C 170 -1.08 5.81 -16.97
N ALA C 171 -2.20 5.32 -16.44
CA ALA C 171 -2.65 5.78 -15.14
C ALA C 171 -1.59 5.51 -14.08
N GLY C 172 -0.89 4.39 -14.18
CA GLY C 172 0.11 4.05 -13.19
C GLY C 172 1.29 4.99 -13.14
N ASP C 173 1.46 5.85 -14.15
CA ASP C 173 2.56 6.78 -14.11
C ASP C 173 2.44 7.76 -12.94
N GLY C 174 1.24 8.12 -12.54
CA GLY C 174 1.09 9.15 -11.55
C GLY C 174 -0.28 9.78 -11.60
N SER C 175 -0.53 10.65 -10.62
CA SER C 175 -1.88 11.18 -10.45
C SER C 175 -2.32 12.01 -11.65
N ALA C 176 -1.39 12.73 -12.30
CA ALA C 176 -1.78 13.55 -13.46
C ALA C 176 -2.33 12.69 -14.59
N PHE C 177 -1.56 11.69 -15.05
CA PHE C 177 -2.07 10.83 -16.12
C PHE C 177 -3.24 9.99 -15.66
N ARG C 178 -3.23 9.57 -14.39
CA ARG C 178 -4.37 8.86 -13.83
C ARG C 178 -5.64 9.68 -14.00
N ASP C 179 -5.59 10.94 -13.56
CA ASP C 179 -6.76 11.81 -13.65
C ASP C 179 -7.06 12.15 -15.09
N LEU C 180 -6.05 12.17 -15.95
CA LEU C 180 -6.30 12.40 -17.37
C LEU C 180 -7.02 11.22 -17.99
N VAL C 181 -6.61 10.01 -17.63
CA VAL C 181 -7.33 8.82 -18.08
C VAL C 181 -8.78 8.88 -17.62
N ILE C 182 -9.00 9.34 -16.38
CA ILE C 182 -10.36 9.46 -15.87
C ILE C 182 -11.14 10.51 -16.64
N LYS C 183 -10.52 11.68 -16.88
CA LYS C 183 -11.23 12.75 -17.59
C LYS C 183 -11.66 12.33 -18.99
N HIS C 184 -10.84 11.51 -19.66
CA HIS C 184 -11.21 10.98 -20.97
C HIS C 184 -12.33 9.94 -20.90
N GLY C 185 -12.82 9.60 -19.70
CA GLY C 185 -13.97 8.73 -19.58
C GLY C 185 -13.64 7.26 -19.50
N ALA C 186 -12.47 6.88 -18.99
CA ALA C 186 -12.13 5.46 -19.01
C ALA C 186 -12.93 4.63 -18.02
N ILE C 187 -13.48 5.22 -16.98
CA ILE C 187 -14.00 4.41 -15.88
C ILE C 187 -15.26 3.66 -16.31
N ASP C 188 -16.19 4.34 -16.98
CA ASP C 188 -17.44 3.68 -17.38
C ASP C 188 -17.20 2.46 -18.27
N PRO C 189 -16.42 2.54 -19.36
CA PRO C 189 -16.18 1.31 -20.14
C PRO C 189 -15.34 0.28 -19.42
N LEU C 190 -14.45 0.69 -18.51
CA LEU C 190 -13.73 -0.31 -17.71
C LEU C 190 -14.71 -1.09 -16.84
N LEU C 191 -15.55 -0.38 -16.10
CA LEU C 191 -16.50 -1.05 -15.22
C LEU C 191 -17.50 -1.88 -16.01
N ALA C 192 -17.93 -1.38 -17.18
CA ALA C 192 -18.83 -2.16 -18.02
C ALA C 192 -18.23 -3.50 -18.41
N LEU C 193 -16.90 -3.60 -18.50
CA LEU C 193 -16.29 -4.89 -18.79
C LEU C 193 -16.51 -5.88 -17.65
N LEU C 194 -16.78 -5.40 -16.43
CA LEU C 194 -17.00 -6.23 -15.26
C LEU C 194 -18.49 -6.39 -14.91
N ALA C 195 -19.39 -5.86 -15.75
CA ALA C 195 -20.82 -5.88 -15.42
C ALA C 195 -21.41 -7.20 -15.93
N VAL C 196 -21.01 -8.27 -15.26
CA VAL C 196 -21.49 -9.61 -15.59
C VAL C 196 -22.06 -10.21 -14.31
N PRO C 197 -23.00 -11.16 -14.40
CA PRO C 197 -23.55 -11.74 -13.17
C PRO C 197 -22.51 -12.41 -12.29
N ASP C 198 -21.56 -13.12 -12.89
CA ASP C 198 -20.55 -13.86 -12.13
C ASP C 198 -19.20 -13.57 -12.76
N LEU C 199 -18.29 -12.99 -11.99
CA LEU C 199 -16.96 -12.67 -12.48
C LEU C 199 -16.20 -13.89 -12.94
N SER C 200 -16.58 -15.08 -12.47
CA SER C 200 -15.84 -16.30 -12.78
C SER C 200 -15.99 -16.71 -14.23
N THR C 201 -16.97 -16.15 -14.95
CA THR C 201 -17.10 -16.44 -16.37
C THR C 201 -16.13 -15.64 -17.22
N LEU C 202 -15.50 -14.61 -16.67
CA LEU C 202 -14.49 -13.90 -17.43
C LEU C 202 -13.17 -14.65 -17.39
N ALA C 203 -12.42 -14.54 -18.48
CA ALA C 203 -11.08 -15.10 -18.49
C ALA C 203 -10.29 -14.53 -17.33
N CYS C 204 -9.52 -15.41 -16.70
CA CYS C 204 -8.78 -15.06 -15.50
C CYS C 204 -7.75 -13.97 -15.76
N GLY C 205 -6.94 -14.13 -16.82
CA GLY C 205 -5.97 -13.10 -17.15
C GLY C 205 -6.63 -11.77 -17.45
N TYR C 206 -7.79 -11.82 -18.11
CA TYR C 206 -8.55 -10.62 -18.43
C TYR C 206 -9.03 -9.93 -17.14
N LEU C 207 -9.57 -10.70 -16.20
CA LEU C 207 -10.05 -10.12 -14.96
C LEU C 207 -8.91 -9.52 -14.14
N ARG C 208 -7.76 -10.19 -14.14
CA ARG C 208 -6.61 -9.70 -13.40
C ARG C 208 -6.11 -8.39 -13.95
N ASN C 209 -6.09 -8.25 -15.29
CA ASN C 209 -5.66 -7.00 -15.90
C ASN C 209 -6.63 -5.87 -15.55
N LEU C 210 -7.93 -6.13 -15.63
CA LEU C 210 -8.91 -5.11 -15.27
C LEU C 210 -8.75 -4.68 -13.82
N THR C 211 -8.63 -5.65 -12.91
CA THR C 211 -8.44 -5.34 -11.50
C THR C 211 -7.19 -4.49 -11.30
N TRP C 212 -6.10 -4.90 -11.94
CA TRP C 212 -4.86 -4.15 -11.80
C TRP C 212 -5.00 -2.73 -12.34
N THR C 213 -5.63 -2.56 -13.50
CA THR C 213 -5.81 -1.21 -14.02
C THR C 213 -6.72 -0.39 -13.10
N LEU C 214 -7.81 -0.99 -12.63
CA LEU C 214 -8.64 -0.29 -11.67
C LEU C 214 -7.85 0.13 -10.45
N SER C 215 -6.94 -0.72 -9.99
CA SER C 215 -6.16 -0.35 -8.81
C SER C 215 -5.24 0.82 -9.10
N ASN C 216 -4.75 0.96 -10.35
CA ASN C 216 -3.97 2.16 -10.67
C ASN C 216 -4.83 3.41 -10.79
N LEU C 217 -6.12 3.27 -11.09
CA LEU C 217 -6.99 4.45 -11.02
C LEU C 217 -7.26 4.87 -9.58
N CYS C 218 -7.09 3.95 -8.63
CA CYS C 218 -7.19 4.25 -7.21
C CYS C 218 -5.90 4.72 -6.59
N ARG C 219 -4.79 4.62 -7.32
CA ARG C 219 -3.46 4.81 -6.75
C ARG C 219 -3.01 6.26 -6.83
N ASN C 220 -2.05 6.60 -5.94
CA ASN C 220 -1.30 7.85 -5.86
C ASN C 220 -2.08 8.93 -5.13
N LYS C 221 -1.36 9.89 -4.55
CA LYS C 221 -1.90 10.64 -3.42
C LYS C 221 -1.82 12.15 -3.52
N ASN C 222 -1.13 12.72 -4.50
CA ASN C 222 -1.27 14.18 -4.55
C ASN C 222 -1.52 14.71 -5.96
N PRO C 223 -2.80 14.83 -6.33
CA PRO C 223 -3.89 14.53 -5.40
C PRO C 223 -4.29 13.06 -5.36
N ALA C 224 -5.11 12.72 -4.37
CA ALA C 224 -5.81 11.45 -4.40
C ALA C 224 -6.80 11.47 -5.57
N PRO C 225 -7.28 10.31 -6.01
CA PRO C 225 -8.19 10.28 -7.16
C PRO C 225 -9.43 11.09 -6.88
N PRO C 226 -10.13 11.57 -7.92
CA PRO C 226 -11.36 12.33 -7.69
C PRO C 226 -12.38 11.51 -6.90
N LEU C 227 -13.00 12.18 -5.93
CA LEU C 227 -13.99 11.54 -5.06
C LEU C 227 -15.07 10.82 -5.87
N ASP C 228 -15.62 11.48 -6.89
CA ASP C 228 -16.67 10.84 -7.67
C ASP C 228 -16.14 9.63 -8.43
N ALA C 229 -14.87 9.66 -8.86
CA ALA C 229 -14.27 8.50 -9.50
C ALA C 229 -14.11 7.35 -8.51
N VAL C 230 -13.72 7.67 -7.27
CA VAL C 230 -13.60 6.64 -6.25
C VAL C 230 -14.97 6.03 -5.96
N GLU C 231 -15.99 6.88 -5.83
CA GLU C 231 -17.32 6.38 -5.55
C GLU C 231 -17.85 5.53 -6.69
N GLN C 232 -17.50 5.90 -7.92
CA GLN C 232 -17.90 5.11 -9.08
C GLN C 232 -17.21 3.76 -9.11
N ILE C 233 -15.93 3.72 -8.71
CA ILE C 233 -15.16 2.48 -8.77
C ILE C 233 -15.44 1.58 -7.58
N LEU C 234 -15.76 2.15 -6.41
CA LEU C 234 -15.79 1.36 -5.19
C LEU C 234 -16.72 0.15 -5.22
N PRO C 235 -17.96 0.22 -5.73
CA PRO C 235 -18.80 -0.99 -5.72
C PRO C 235 -18.21 -2.13 -6.52
N THR C 236 -17.43 -1.83 -7.56
CA THR C 236 -16.80 -2.91 -8.32
C THR C 236 -15.63 -3.49 -7.56
N LEU C 237 -14.86 -2.63 -6.89
CA LEU C 237 -13.79 -3.10 -6.03
C LEU C 237 -14.32 -4.01 -4.91
N VAL C 238 -15.46 -3.63 -4.31
CA VAL C 238 -16.04 -4.48 -3.28
C VAL C 238 -16.29 -5.88 -3.82
N ARG C 239 -16.89 -5.94 -5.00
CA ARG C 239 -17.16 -7.20 -5.67
CA ARG C 239 -17.16 -7.22 -5.65
C ARG C 239 -15.87 -7.97 -5.98
N LEU C 240 -14.86 -7.26 -6.47
CA LEU C 240 -13.60 -7.96 -6.77
C LEU C 240 -12.94 -8.47 -5.49
N LEU C 241 -13.16 -7.80 -4.37
CA LEU C 241 -12.63 -8.25 -3.08
C LEU C 241 -13.25 -9.56 -2.61
N HIS C 242 -14.36 -9.99 -3.22
CA HIS C 242 -14.97 -11.27 -2.91
C HIS C 242 -14.72 -12.31 -3.98
N HIS C 243 -13.94 -11.98 -5.00
CA HIS C 243 -13.65 -12.95 -6.04
C HIS C 243 -12.60 -13.95 -5.53
N ASN C 244 -12.58 -15.14 -6.12
CA ASN C 244 -11.77 -16.24 -5.61
C ASN C 244 -10.40 -16.34 -6.30
N ASP C 245 -9.90 -15.27 -6.90
CA ASP C 245 -8.59 -15.41 -7.51
C ASP C 245 -7.56 -14.66 -6.70
N PRO C 246 -6.45 -15.31 -6.32
CA PRO C 246 -5.51 -14.64 -5.41
C PRO C 246 -4.94 -13.35 -5.97
N GLU C 247 -4.72 -13.26 -7.28
CA GLU C 247 -4.17 -12.03 -7.84
C GLU C 247 -5.22 -10.94 -7.93
N VAL C 248 -6.44 -11.28 -8.31
CA VAL C 248 -7.51 -10.29 -8.24
C VAL C 248 -7.67 -9.79 -6.80
N LEU C 249 -7.61 -10.71 -5.84
CA LEU C 249 -7.74 -10.34 -4.43
C LEU C 249 -6.58 -9.45 -4.00
N ALA C 250 -5.35 -9.82 -4.38
CA ALA C 250 -4.21 -8.98 -4.03
C ALA C 250 -4.39 -7.57 -4.59
N ASP C 251 -4.76 -7.47 -5.87
CA ASP C 251 -4.82 -6.16 -6.50
C ASP C 251 -6.02 -5.36 -6.00
N SER C 252 -7.12 -6.05 -5.65
CA SER C 252 -8.26 -5.37 -5.03
C SER C 252 -7.88 -4.81 -3.68
N CYS C 253 -7.13 -5.59 -2.89
CA CYS C 253 -6.60 -5.10 -1.62
C CYS C 253 -5.66 -3.94 -1.83
N TRP C 254 -4.77 -4.02 -2.84
CA TRP C 254 -3.92 -2.88 -3.13
C TRP C 254 -4.76 -1.63 -3.41
N ALA C 255 -5.78 -1.78 -4.26
CA ALA C 255 -6.64 -0.64 -4.58
C ALA C 255 -7.27 -0.06 -3.31
N ILE C 256 -7.74 -0.91 -2.41
CA ILE C 256 -8.36 -0.43 -1.18
C ILE C 256 -7.32 0.22 -0.27
N SER C 257 -6.11 -0.34 -0.24
CA SER C 257 -5.07 0.28 0.57
C SER C 257 -4.74 1.68 0.06
N TYR C 258 -4.74 1.88 -1.25
CA TYR C 258 -4.54 3.24 -1.77
C TYR C 258 -5.69 4.15 -1.35
N LEU C 259 -6.93 3.66 -1.50
CA LEU C 259 -8.09 4.51 -1.25
C LEU C 259 -8.16 4.91 0.22
N THR C 260 -7.67 4.06 1.11
CA THR C 260 -7.68 4.33 2.54
C THR C 260 -6.44 5.07 3.00
N ASP C 261 -5.48 5.31 2.11
CA ASP C 261 -4.28 6.06 2.47
C ASP C 261 -4.56 7.54 2.23
N GLY C 262 -5.18 8.17 3.21
CA GLY C 262 -5.52 9.57 3.12
C GLY C 262 -6.29 10.04 4.33
N PRO C 263 -7.03 11.14 4.19
CA PRO C 263 -7.80 11.69 5.31
C PRO C 263 -8.97 10.80 5.68
N ASN C 264 -9.57 11.11 6.84
CA ASN C 264 -10.61 10.25 7.41
C ASN C 264 -11.81 10.10 6.48
N GLU C 265 -12.08 11.13 5.67
CA GLU C 265 -13.20 11.08 4.76
C GLU C 265 -12.97 10.09 3.64
N ARG C 266 -11.70 9.93 3.21
CA ARG C 266 -11.38 8.89 2.23
C ARG C 266 -11.57 7.51 2.85
N ILE C 267 -11.02 7.31 4.06
CA ILE C 267 -11.22 6.07 4.80
C ILE C 267 -12.70 5.77 4.94
N GLU C 268 -13.49 6.80 5.26
CA GLU C 268 -14.92 6.61 5.52
C GLU C 268 -15.64 6.05 4.29
N MET C 269 -15.33 6.58 3.11
CA MET C 269 -15.94 6.08 1.87
C MET C 269 -15.71 4.59 1.70
N VAL C 270 -14.54 4.11 2.10
CA VAL C 270 -14.28 2.67 2.03
C VAL C 270 -14.97 1.95 3.18
N VAL C 271 -14.82 2.47 4.40
CA VAL C 271 -15.40 1.78 5.55
C VAL C 271 -16.92 1.67 5.39
N LYS C 272 -17.55 2.75 4.93
CA LYS C 272 -19.00 2.75 4.70
C LYS C 272 -19.43 1.70 3.68
N LYS C 273 -18.52 1.23 2.82
CA LYS C 273 -18.86 0.18 1.87
C LYS C 273 -18.96 -1.20 2.51
N GLY C 274 -18.63 -1.33 3.80
CA GLY C 274 -18.74 -2.60 4.50
C GLY C 274 -17.64 -3.60 4.24
N VAL C 275 -16.48 -3.16 3.73
CA VAL C 275 -15.45 -4.10 3.29
C VAL C 275 -14.50 -4.53 4.40
N VAL C 276 -14.57 -3.90 5.58
CA VAL C 276 -13.60 -4.19 6.63
C VAL C 276 -13.61 -5.66 7.03
N PRO C 277 -14.78 -6.30 7.29
CA PRO C 277 -14.75 -7.75 7.55
C PRO C 277 -14.05 -8.54 6.47
N GLN C 278 -14.31 -8.23 5.19
CA GLN C 278 -13.65 -8.94 4.12
C GLN C 278 -12.16 -8.71 4.17
N LEU C 279 -11.73 -7.46 4.43
CA LEU C 279 -10.31 -7.16 4.56
C LEU C 279 -9.68 -7.99 5.67
N VAL C 280 -10.37 -8.07 6.81
CA VAL C 280 -9.88 -8.84 7.95
C VAL C 280 -9.74 -10.30 7.59
N LYS C 281 -10.72 -10.84 6.88
CA LYS C 281 -10.63 -12.20 6.35
C LYS C 281 -9.42 -12.35 5.43
N LEU C 282 -9.22 -11.38 4.52
CA LEU C 282 -8.05 -11.46 3.63
C LEU C 282 -6.77 -11.33 4.43
N LEU C 283 -6.83 -10.63 5.56
CA LEU C 283 -5.69 -10.52 6.46
C LEU C 283 -5.22 -11.89 6.95
N GLY C 284 -6.12 -12.86 7.04
CA GLY C 284 -5.77 -14.21 7.40
C GLY C 284 -5.39 -15.10 6.25
N ALA C 285 -5.31 -14.57 5.02
CA ALA C 285 -4.97 -15.39 3.87
C ALA C 285 -3.58 -16.00 4.03
N THR C 286 -3.37 -17.13 3.35
CA THR C 286 -2.05 -17.73 3.40
C THR C 286 -1.10 -17.08 2.39
N GLU C 287 -1.65 -16.45 1.35
CA GLU C 287 -0.83 -15.80 0.33
C GLU C 287 -0.35 -14.44 0.85
N LEU C 288 0.95 -14.35 1.10
CA LEU C 288 1.58 -13.07 1.42
C LEU C 288 1.21 -11.94 0.45
N PRO C 289 1.09 -12.16 -0.87
CA PRO C 289 0.69 -11.04 -1.73
C PRO C 289 -0.72 -10.53 -1.45
N ILE C 290 -1.56 -11.31 -0.77
CA ILE C 290 -2.85 -10.81 -0.33
C ILE C 290 -2.74 -10.15 1.03
N VAL C 291 -2.03 -10.80 1.97
CA VAL C 291 -1.93 -10.28 3.33
C VAL C 291 -1.30 -8.90 3.33
N THR C 292 -0.28 -8.68 2.50
CA THR C 292 0.45 -7.42 2.55
C THR C 292 -0.45 -6.22 2.24
N PRO C 293 -1.15 -6.17 1.10
CA PRO C 293 -2.05 -5.03 0.87
C PRO C 293 -3.27 -5.03 1.79
N ALA C 294 -3.78 -6.21 2.17
CA ALA C 294 -4.88 -6.24 3.14
C ALA C 294 -4.47 -5.61 4.45
N LEU C 295 -3.25 -5.90 4.93
CA LEU C 295 -2.76 -5.30 6.17
C LEU C 295 -2.50 -3.80 6.02
N ARG C 296 -1.95 -3.37 4.88
CA ARG C 296 -1.78 -1.94 4.66
C ARG C 296 -3.13 -1.24 4.70
N ALA C 297 -4.16 -1.86 4.11
CA ALA C 297 -5.49 -1.28 4.14
C ALA C 297 -6.02 -1.17 5.56
N ILE C 298 -5.92 -2.27 6.32
CA ILE C 298 -6.38 -2.25 7.71
C ILE C 298 -5.58 -1.24 8.51
N GLY C 299 -4.27 -1.20 8.31
CA GLY C 299 -3.45 -0.22 8.99
C GLY C 299 -3.86 1.20 8.66
N ASN C 300 -4.15 1.46 7.38
CA ASN C 300 -4.62 2.79 6.98
C ASN C 300 -5.92 3.15 7.66
N ILE C 301 -6.85 2.19 7.73
CA ILE C 301 -8.15 2.48 8.30
C ILE C 301 -7.99 2.87 9.78
N VAL C 302 -7.10 2.20 10.51
CA VAL C 302 -6.96 2.53 11.93
C VAL C 302 -6.16 3.79 12.13
N THR C 303 -5.65 4.43 11.07
CA THR C 303 -5.16 5.79 11.23
C THR C 303 -6.27 6.82 11.29
N GLY C 304 -7.51 6.41 11.06
CA GLY C 304 -8.63 7.35 11.00
C GLY C 304 -9.18 7.64 12.38
N THR C 305 -10.51 7.68 12.49
CA THR C 305 -11.16 7.99 13.75
C THR C 305 -11.17 6.75 14.65
N ASP C 306 -11.46 7.00 15.94
CA ASP C 306 -11.69 5.91 16.87
C ASP C 306 -12.82 5.00 16.39
N GLU C 307 -13.84 5.59 15.72
CA GLU C 307 -14.97 4.79 15.24
C GLU C 307 -14.58 3.91 14.07
N GLN C 308 -13.79 4.45 13.14
CA GLN C 308 -13.28 3.64 12.04
C GLN C 308 -12.34 2.56 12.56
N THR C 309 -11.51 2.91 13.54
CA THR C 309 -10.65 1.92 14.18
C THR C 309 -11.48 0.83 14.85
N GLN C 310 -12.60 1.23 15.47
CA GLN C 310 -13.44 0.25 16.14
C GLN C 310 -14.01 -0.76 15.16
N LYS C 311 -14.27 -0.35 13.93
CA LYS C 311 -14.83 -1.32 12.99
C LYS C 311 -13.81 -2.39 12.62
N VAL C 312 -12.51 -2.08 12.61
CA VAL C 312 -11.58 -3.18 12.36
C VAL C 312 -11.49 -4.07 13.60
N ILE C 313 -11.59 -3.49 14.80
CA ILE C 313 -11.65 -4.31 16.01
C ILE C 313 -12.91 -5.18 16.00
N ASP C 314 -14.07 -4.56 15.75
CA ASP C 314 -15.32 -5.32 15.69
C ASP C 314 -15.25 -6.44 14.67
N ALA C 315 -14.55 -6.21 13.56
CA ALA C 315 -14.49 -7.22 12.50
C ALA C 315 -13.60 -8.40 12.86
N GLY C 316 -12.93 -8.38 14.01
CA GLY C 316 -12.09 -9.49 14.42
C GLY C 316 -10.62 -9.35 14.10
N ALA C 317 -10.15 -8.17 13.72
CA ALA C 317 -8.79 -8.04 13.22
C ALA C 317 -7.75 -8.45 14.25
N LEU C 318 -8.02 -8.16 15.54
CA LEU C 318 -6.98 -8.36 16.55
C LEU C 318 -6.61 -9.85 16.69
N ALA C 319 -7.56 -10.74 16.42
CA ALA C 319 -7.30 -12.18 16.51
C ALA C 319 -6.24 -12.65 15.53
N VAL C 320 -5.95 -11.87 14.48
CA VAL C 320 -4.93 -12.23 13.51
C VAL C 320 -3.55 -11.72 13.92
N PHE C 321 -3.47 -10.78 14.86
CA PHE C 321 -2.19 -10.16 15.13
C PHE C 321 -1.16 -11.03 15.85
N PRO C 322 -1.53 -12.09 16.59
CA PRO C 322 -0.48 -13.02 17.04
C PRO C 322 0.39 -13.50 15.89
N SER C 323 -0.23 -13.90 14.76
CA SER C 323 0.53 -14.30 13.59
C SER C 323 1.26 -13.13 12.95
N LEU C 324 0.55 -12.01 12.74
CA LEU C 324 1.17 -10.89 12.03
C LEU C 324 2.37 -10.34 12.79
N LEU C 325 2.27 -10.29 14.12
CA LEU C 325 3.36 -9.72 14.90
C LEU C 325 4.53 -10.68 15.06
N THR C 326 4.38 -11.93 14.61
CA THR C 326 5.48 -12.89 14.56
C THR C 326 5.75 -13.32 13.13
N ASN C 327 5.16 -12.65 12.16
CA ASN C 327 5.26 -13.06 10.78
C ASN C 327 6.71 -13.03 10.33
N PRO C 328 7.16 -14.05 9.58
CA PRO C 328 8.56 -14.06 9.11
C PRO C 328 8.91 -12.91 8.19
N LYS C 329 7.94 -12.33 7.49
CA LYS C 329 8.21 -11.18 6.63
C LYS C 329 8.29 -9.95 7.49
N THR C 330 9.50 -9.36 7.59
CA THR C 330 9.68 -8.24 8.50
C THR C 330 8.77 -7.07 8.15
N ASN C 331 8.48 -6.88 6.87
CA ASN C 331 7.57 -5.81 6.49
C ASN C 331 6.17 -6.05 7.04
N ILE C 332 5.73 -7.32 7.11
CA ILE C 332 4.45 -7.61 7.75
C ILE C 332 4.51 -7.25 9.22
N GLN C 333 5.59 -7.63 9.89
CA GLN C 333 5.73 -7.32 11.32
C GLN C 333 5.73 -5.83 11.55
N LYS C 334 6.49 -5.09 10.72
CA LYS C 334 6.51 -3.64 10.84
C LYS C 334 5.12 -3.05 10.66
N GLU C 335 4.41 -3.45 9.60
CA GLU C 335 3.07 -2.93 9.33
C GLU C 335 2.12 -3.29 10.45
N ALA C 336 2.14 -4.55 10.87
CA ALA C 336 1.27 -4.99 11.96
C ALA C 336 1.57 -4.22 13.24
N THR C 337 2.85 -3.95 13.51
CA THR C 337 3.18 -3.25 14.74
C THR C 337 2.81 -1.77 14.65
N TRP C 338 3.04 -1.17 13.49
CA TRP C 338 2.56 0.19 13.24
C TRP C 338 1.05 0.27 13.45
N THR C 339 0.33 -0.64 12.83
CA THR C 339 -1.11 -0.76 13.04
C THR C 339 -1.45 -0.90 14.53
N MET C 340 -0.75 -1.79 15.24
CA MET C 340 -0.96 -1.93 16.68
C MET C 340 -0.76 -0.61 17.40
N SER C 341 0.30 0.14 17.02
CA SER C 341 0.59 1.41 17.66
C SER C 341 -0.54 2.41 17.49
N ASN C 342 -1.25 2.36 16.36
CA ASN C 342 -2.39 3.25 16.14
C ASN C 342 -3.64 2.75 16.81
N ILE C 343 -3.71 1.45 17.08
CA ILE C 343 -4.81 0.95 17.89
C ILE C 343 -4.58 1.29 19.35
N THR C 344 -3.33 1.25 19.83
CA THR C 344 -3.11 1.66 21.21
C THR C 344 -3.17 3.17 21.38
N ALA C 345 -3.19 3.93 20.29
CA ALA C 345 -3.47 5.35 20.35
C ALA C 345 -4.95 5.64 20.47
N GLY C 346 -5.79 4.62 20.48
CA GLY C 346 -7.23 4.77 20.58
C GLY C 346 -7.72 4.86 22.00
N ARG C 347 -9.00 4.56 22.16
CA ARG C 347 -9.67 4.66 23.46
C ARG C 347 -9.22 3.53 24.38
N GLN C 348 -9.49 3.73 25.67
CA GLN C 348 -9.18 2.73 26.68
C GLN C 348 -9.93 1.43 26.44
N ASP C 349 -11.15 1.49 25.90
CA ASP C 349 -11.84 0.25 25.57
C ASP C 349 -11.17 -0.44 24.37
N GLN C 350 -10.48 0.31 23.53
CA GLN C 350 -9.73 -0.28 22.42
C GLN C 350 -8.39 -0.82 22.89
N ILE C 351 -7.71 -0.08 23.77
CA ILE C 351 -6.55 -0.64 24.47
C ILE C 351 -6.93 -1.92 25.19
N GLN C 352 -8.14 -1.97 25.76
CA GLN C 352 -8.57 -3.15 26.50
C GLN C 352 -8.73 -4.35 25.58
N GLN C 353 -9.19 -4.11 24.36
CA GLN C 353 -9.28 -5.21 23.40
C GLN C 353 -7.91 -5.75 23.04
N VAL C 354 -6.92 -4.87 22.88
CA VAL C 354 -5.54 -5.32 22.68
C VAL C 354 -5.13 -6.24 23.84
N VAL C 355 -5.45 -5.82 25.06
CA VAL C 355 -5.12 -6.62 26.23
C VAL C 355 -5.84 -7.96 26.17
N ASN C 356 -7.16 -7.92 25.95
CA ASN C 356 -7.97 -9.15 25.99
C ASN C 356 -7.49 -10.14 24.94
N HIS C 357 -7.07 -9.64 23.78
CA HIS C 357 -6.62 -10.52 22.71
C HIS C 357 -5.23 -11.06 22.96
N GLY C 358 -4.63 -10.75 24.11
CA GLY C 358 -3.33 -11.30 24.42
C GLY C 358 -2.20 -10.67 23.66
N LEU C 359 -2.39 -9.42 23.18
CA LEU C 359 -1.46 -8.82 22.27
C LEU C 359 -0.33 -8.06 22.93
N VAL C 360 -0.45 -7.75 24.24
CA VAL C 360 0.65 -7.07 24.91
C VAL C 360 1.88 -7.95 24.96
N PRO C 361 1.79 -9.25 25.30
CA PRO C 361 2.99 -10.08 25.21
C PRO C 361 3.59 -10.07 23.82
N PHE C 362 2.77 -9.98 22.78
CA PHE C 362 3.34 -9.94 21.44
C PHE C 362 4.07 -8.63 21.20
N LEU C 363 3.57 -7.53 21.79
CA LEU C 363 4.28 -6.26 21.71
C LEU C 363 5.57 -6.30 22.52
N VAL C 364 5.55 -6.96 23.68
CA VAL C 364 6.80 -7.15 24.42
C VAL C 364 7.78 -7.95 23.57
N GLY C 365 7.30 -9.02 22.91
CA GLY C 365 8.17 -9.81 22.05
C GLY C 365 8.79 -8.99 20.92
N VAL C 366 7.97 -8.18 20.25
CA VAL C 366 8.47 -7.35 19.15
C VAL C 366 9.42 -6.28 19.68
N LEU C 367 9.10 -5.69 20.83
CA LEU C 367 10.05 -4.78 21.46
C LEU C 367 11.36 -5.51 21.80
N SER C 368 11.26 -6.77 22.21
CA SER C 368 12.44 -7.50 22.65
C SER C 368 13.33 -7.90 21.47
N LYS C 369 12.72 -8.34 20.38
CA LYS C 369 13.49 -8.82 19.24
C LYS C 369 12.65 -8.59 18.00
N ALA C 370 13.16 -7.75 17.11
CA ALA C 370 12.57 -7.48 15.81
C ALA C 370 13.58 -6.61 15.09
N ASP C 371 13.40 -6.43 13.78
CA ASP C 371 14.24 -5.46 13.11
C ASP C 371 13.90 -4.07 13.65
N PHE C 372 14.89 -3.17 13.60
CA PHE C 372 14.80 -1.96 14.41
C PHE C 372 13.56 -1.13 14.10
N LYS C 373 13.18 -1.06 12.81
CA LYS C 373 12.02 -0.23 12.46
C LYS C 373 10.73 -0.78 13.03
N THR C 374 10.64 -2.12 13.19
CA THR C 374 9.51 -2.71 13.90
C THR C 374 9.60 -2.42 15.40
N GLN C 375 10.80 -2.54 15.98
CA GLN C 375 10.97 -2.20 17.39
C GLN C 375 10.57 -0.76 17.66
N LYS C 376 10.84 0.14 16.71
CA LYS C 376 10.43 1.53 16.87
C LYS C 376 8.92 1.66 16.84
N GLU C 377 8.23 0.91 15.96
CA GLU C 377 6.77 0.91 15.98
C GLU C 377 6.23 0.31 17.27
N ALA C 378 6.94 -0.69 17.82
CA ALA C 378 6.55 -1.24 19.11
C ALA C 378 6.72 -0.20 20.21
N ALA C 379 7.84 0.51 20.20
CA ALA C 379 8.04 1.60 21.15
C ALA C 379 6.90 2.60 21.07
N TRP C 380 6.56 3.03 19.84
CA TRP C 380 5.40 3.89 19.66
C TRP C 380 4.13 3.24 20.20
N ALA C 381 3.93 1.95 19.92
CA ALA C 381 2.75 1.26 20.43
C ALA C 381 2.69 1.33 21.96
N ILE C 382 3.83 1.20 22.61
CA ILE C 382 3.86 1.26 24.08
C ILE C 382 3.54 2.66 24.57
N THR C 383 4.21 3.67 24.00
CA THR C 383 3.97 5.06 24.44
C THR C 383 2.52 5.45 24.23
N ASN C 384 1.96 5.15 23.05
CA ASN C 384 0.54 5.40 22.83
C ASN C 384 -0.29 4.70 23.88
N TYR C 385 0.00 3.42 24.11
CA TYR C 385 -0.71 2.66 25.14
C TYR C 385 -0.62 3.37 26.48
N THR C 386 0.59 3.77 26.91
CA THR C 386 0.73 4.37 28.23
C THR C 386 0.10 5.75 28.28
N SER C 387 0.02 6.46 27.15
CA SER C 387 -0.63 7.76 27.12
C SER C 387 -2.13 7.65 27.32
N GLY C 388 -2.75 6.63 26.76
CA GLY C 388 -4.19 6.60 26.79
C GLY C 388 -4.73 5.58 27.75
N GLY C 389 -3.86 4.73 28.29
CA GLY C 389 -4.33 3.62 29.08
C GLY C 389 -4.72 4.03 30.49
N THR C 390 -5.59 3.22 31.09
CA THR C 390 -5.84 3.34 32.52
C THR C 390 -4.61 2.90 33.30
N VAL C 391 -4.66 3.15 34.60
CA VAL C 391 -3.57 2.73 35.48
C VAL C 391 -3.42 1.22 35.46
N GLU C 392 -4.52 0.48 35.57
CA GLU C 392 -4.41 -0.98 35.59
C GLU C 392 -3.91 -1.52 34.25
N GLN C 393 -4.31 -0.90 33.14
CA GLN C 393 -3.77 -1.29 31.84
C GLN C 393 -2.27 -1.08 31.80
N ILE C 394 -1.78 0.04 32.38
CA ILE C 394 -0.35 0.30 32.38
C ILE C 394 0.38 -0.66 33.32
N VAL C 395 -0.23 -0.98 34.46
CA VAL C 395 0.32 -1.99 35.37
C VAL C 395 0.48 -3.33 34.65
N TYR C 396 -0.58 -3.76 33.95
CA TYR C 396 -0.54 -5.00 33.20
C TYR C 396 0.61 -5.03 32.20
N LEU C 397 0.83 -3.91 31.53
CA LEU C 397 1.97 -3.78 30.64
C LEU C 397 3.29 -4.08 31.35
N VAL C 398 3.48 -3.53 32.56
CA VAL C 398 4.68 -3.83 33.32
C VAL C 398 4.73 -5.31 33.69
N HIS C 399 3.60 -5.84 34.15
CA HIS C 399 3.53 -7.26 34.49
C HIS C 399 3.85 -8.15 33.29
N CYS C 400 3.63 -7.68 32.08
CA CYS C 400 3.95 -8.48 30.90
C CYS C 400 5.41 -8.43 30.53
N GLY C 401 6.20 -7.58 31.18
CA GLY C 401 7.62 -7.52 30.96
C GLY C 401 8.09 -6.42 30.06
N ILE C 402 7.36 -5.30 30.00
CA ILE C 402 7.72 -4.28 29.02
C ILE C 402 9.02 -3.57 29.39
N ILE C 403 9.39 -3.55 30.68
CA ILE C 403 10.41 -2.61 31.14
C ILE C 403 11.78 -2.98 30.60
N GLU C 404 12.18 -4.24 30.74
CA GLU C 404 13.52 -4.60 30.31
C GLU C 404 13.73 -4.37 28.82
N PRO C 405 12.90 -4.88 27.90
CA PRO C 405 13.18 -4.60 26.48
C PRO C 405 13.06 -3.12 26.14
N LEU C 406 12.24 -2.39 26.89
CA LEU C 406 12.19 -0.93 26.73
C LEU C 406 13.53 -0.30 27.07
N MET C 407 14.11 -0.67 28.22
CA MET C 407 15.41 -0.12 28.62
C MET C 407 16.49 -0.50 27.61
N ASN C 408 16.47 -1.74 27.13
CA ASN C 408 17.47 -2.17 26.15
C ASN C 408 17.47 -1.29 24.92
N LEU C 409 16.31 -0.76 24.54
CA LEU C 409 16.24 0.07 23.35
C LEU C 409 16.65 1.51 23.62
N LEU C 410 16.89 1.88 24.88
CA LEU C 410 17.48 3.19 25.13
C LEU C 410 18.92 3.27 24.65
N SER C 411 19.56 2.13 24.44
CA SER C 411 20.89 2.12 23.84
C SER C 411 20.85 2.30 22.33
N ALA C 412 19.66 2.48 21.74
CA ALA C 412 19.58 2.72 20.31
C ALA C 412 20.17 4.07 19.97
N LYS C 413 20.70 4.17 18.75
CA LYS C 413 21.23 5.44 18.28
C LYS C 413 20.12 6.39 17.88
N ASP C 414 19.03 5.86 17.31
CA ASP C 414 17.89 6.68 16.89
C ASP C 414 17.40 7.54 18.06
N THR C 415 17.54 8.86 17.94
CA THR C 415 17.17 9.69 19.07
C THR C 415 15.66 9.87 19.20
N LYS C 416 14.89 9.62 18.12
CA LYS C 416 13.44 9.72 18.24
C LYS C 416 12.86 8.57 19.04
N ILE C 417 13.38 7.35 18.87
CA ILE C 417 12.85 6.24 19.66
C ILE C 417 13.19 6.43 21.12
N ILE C 418 14.30 7.10 21.42
CA ILE C 418 14.65 7.41 22.80
C ILE C 418 13.63 8.34 23.42
N GLN C 419 13.21 9.38 22.68
CA GLN C 419 12.14 10.24 23.17
C GLN C 419 10.85 9.47 23.35
N VAL C 420 10.51 8.60 22.38
CA VAL C 420 9.33 7.75 22.52
C VAL C 420 9.43 6.91 23.79
N ILE C 421 10.60 6.30 24.03
CA ILE C 421 10.75 5.37 25.14
C ILE C 421 10.72 6.11 26.47
N LEU C 422 11.46 7.22 26.56
CA LEU C 422 11.46 8.00 27.79
C LEU C 422 10.09 8.55 28.10
N ASP C 423 9.34 8.94 27.06
CA ASP C 423 7.94 9.33 27.28
C ASP C 423 7.12 8.18 27.85
N ALA C 424 7.34 6.96 27.34
CA ALA C 424 6.60 5.82 27.87
C ALA C 424 6.95 5.58 29.33
N ILE C 425 8.25 5.62 29.66
CA ILE C 425 8.69 5.45 31.04
C ILE C 425 8.08 6.53 31.93
N SER C 426 8.11 7.77 31.46
CA SER C 426 7.44 8.84 32.19
C SER C 426 5.99 8.49 32.47
N ASN C 427 5.25 8.05 31.46
CA ASN C 427 3.85 7.73 31.67
C ASN C 427 3.68 6.55 32.61
N ILE C 428 4.60 5.60 32.59
CA ILE C 428 4.51 4.47 33.50
C ILE C 428 4.77 4.92 34.92
N PHE C 429 5.79 5.77 35.12
CA PHE C 429 6.01 6.35 36.43
C PHE C 429 4.79 7.13 36.91
N GLN C 430 4.16 7.90 36.01
CA GLN C 430 2.97 8.66 36.40
C GLN C 430 1.86 7.75 36.89
N ALA C 431 1.75 6.54 36.35
CA ALA C 431 0.80 5.58 36.88
C ALA C 431 1.30 4.93 38.16
N ALA C 432 2.62 4.77 38.29
CA ALA C 432 3.19 4.24 39.52
C ALA C 432 3.00 5.21 40.68
N GLU C 433 3.07 6.51 40.41
CA GLU C 433 2.77 7.50 41.43
C GLU C 433 1.36 7.32 41.98
N LYS C 434 0.38 7.16 41.08
CA LYS C 434 -1.02 6.97 41.49
C LYS C 434 -1.23 5.73 42.33
N LEU C 435 -0.23 4.86 42.43
CA LEU C 435 -0.34 3.66 43.24
C LEU C 435 0.66 3.64 44.40
N GLY C 436 1.50 4.68 44.53
CA GLY C 436 2.53 4.70 45.54
C GLY C 436 3.66 3.76 45.26
N GLU C 437 3.82 3.33 44.01
CA GLU C 437 4.71 2.22 43.70
C GLU C 437 5.86 2.66 42.79
N THR C 438 6.19 3.95 42.84
CA THR C 438 7.27 4.49 42.02
C THR C 438 8.63 3.86 42.34
N GLU C 439 8.87 3.48 43.60
CA GLU C 439 10.17 2.93 43.97
C GLU C 439 10.40 1.58 43.32
N LYS C 440 9.43 0.68 43.42
CA LYS C 440 9.74 -0.64 42.88
C LYS C 440 9.81 -0.64 41.38
N LEU C 441 9.24 0.37 40.71
CA LEU C 441 9.54 0.52 39.30
C LEU C 441 10.94 1.07 39.12
N SER C 442 11.35 1.99 40.00
CA SER C 442 12.73 2.48 39.96
C SER C 442 13.71 1.34 40.13
N ILE C 443 13.44 0.43 41.09
CA ILE C 443 14.29 -0.74 41.26
C ILE C 443 14.27 -1.60 40.00
N MET C 444 13.07 -1.91 39.52
CA MET C 444 12.92 -2.67 38.28
C MET C 444 13.74 -2.06 37.16
N ILE C 445 13.63 -0.74 36.96
CA ILE C 445 14.39 -0.07 35.92
C ILE C 445 15.88 -0.11 36.23
N GLU C 446 16.24 -0.01 37.51
CA GLU C 446 17.64 -0.08 37.90
C GLU C 446 18.18 -1.50 37.76
N GLU C 447 17.37 -2.50 38.10
CA GLU C 447 17.83 -3.88 38.12
C GLU C 447 18.18 -4.42 36.74
N CYS C 448 17.66 -3.83 35.67
CA CYS C 448 17.94 -4.32 34.32
C CYS C 448 18.88 -3.40 33.54
N GLY C 449 19.54 -2.46 34.22
CA GLY C 449 20.44 -1.55 33.56
C GLY C 449 19.80 -0.33 32.94
N GLY C 450 18.52 -0.08 33.24
CA GLY C 450 17.87 1.09 32.67
C GLY C 450 18.29 2.38 33.30
N LEU C 451 18.56 2.38 34.61
CA LEU C 451 19.05 3.59 35.25
C LEU C 451 20.37 4.03 34.65
N ASP C 452 21.28 3.07 34.38
CA ASP C 452 22.49 3.38 33.64
C ASP C 452 22.17 4.08 32.32
N LYS C 453 21.11 3.63 31.65
CA LYS C 453 20.75 4.22 30.37
C LYS C 453 20.15 5.60 30.53
N ILE C 454 19.23 5.77 31.49
CA ILE C 454 18.67 7.10 31.70
C ILE C 454 19.76 8.07 32.17
N GLU C 455 20.72 7.58 32.96
CA GLU C 455 21.87 8.40 33.33
C GLU C 455 22.71 8.75 32.12
N ALA C 456 22.90 7.79 31.20
CA ALA C 456 23.63 8.08 29.97
C ALA C 456 22.98 9.23 29.21
N LEU C 457 21.72 9.05 28.82
CA LEU C 457 20.97 10.06 28.04
C LEU C 457 20.90 11.39 28.76
N GLN C 458 21.26 11.42 30.04
CA GLN C 458 21.42 12.68 30.74
C GLN C 458 22.32 13.62 29.96
N ARG C 459 23.39 13.07 29.39
CA ARG C 459 24.23 13.77 28.42
C ARG C 459 23.90 13.25 27.03
N HIS C 460 23.22 14.08 26.22
CA HIS C 460 22.85 13.62 24.88
C HIS C 460 22.60 14.85 24.02
N GLU C 461 23.13 14.82 22.79
CA GLU C 461 23.09 15.93 21.85
C GLU C 461 21.72 16.61 21.79
N ASN C 462 20.65 15.83 21.87
CA ASN C 462 19.31 16.38 21.74
C ASN C 462 18.83 16.94 23.06
N GLU C 463 18.22 18.12 23.01
CA GLU C 463 17.74 18.77 24.23
C GLU C 463 16.58 18.00 24.86
N SER C 464 15.70 17.44 24.03
CA SER C 464 14.53 16.77 24.58
C SER C 464 14.88 15.46 25.28
N VAL C 465 15.93 14.77 24.83
CA VAL C 465 16.40 13.55 25.48
C VAL C 465 17.01 13.96 26.82
N TYR C 466 18.14 14.67 26.76
CA TYR C 466 18.71 15.53 27.80
C TYR C 466 17.77 15.80 28.97
N LYS C 467 16.68 16.53 28.70
CA LYS C 467 15.82 17.01 29.77
C LYS C 467 15.03 15.87 30.40
N ALA C 468 14.51 14.95 29.58
CA ALA C 468 13.62 13.91 30.11
C ALA C 468 14.39 12.94 30.98
N SER C 469 15.63 12.66 30.62
CA SER C 469 16.51 11.85 31.45
C SER C 469 16.64 12.45 32.86
N LEU C 470 17.23 13.67 32.99
CA LEU C 470 17.52 14.18 34.33
C LEU C 470 16.25 14.37 35.13
N ASN C 471 15.16 14.77 34.48
CA ASN C 471 13.90 14.91 35.19
C ASN C 471 13.43 13.56 35.73
N LEU C 472 13.53 12.51 34.93
CA LEU C 472 13.22 11.18 35.45
C LEU C 472 14.15 10.83 36.60
N ILE C 473 15.42 11.24 36.49
CA ILE C 473 16.40 10.85 37.49
C ILE C 473 16.19 11.64 38.79
N GLU C 474 16.01 12.95 38.68
CA GLU C 474 15.83 13.76 39.88
C GLU C 474 14.52 13.44 40.59
N LYS C 475 13.49 13.03 39.85
CA LYS C 475 12.19 12.76 40.46
C LYS C 475 12.04 11.32 40.95
N TYR C 476 12.74 10.36 40.33
CA TYR C 476 12.56 8.97 40.67
C TYR C 476 13.84 8.22 41.03
N PHE C 477 14.98 8.91 41.11
CA PHE C 477 16.24 8.26 41.50
C PHE C 477 17.03 9.25 42.37
N SER C 478 16.80 9.19 43.68
CA SER C 478 17.44 10.09 44.64
C SER C 478 17.69 9.41 45.99
S1 DTT D . 1.34 -7.18 -10.70
C1 DTT D . -0.35 -7.32 -10.07
C2 DTT D . -0.99 -8.67 -10.42
O2 DTT D . -0.03 -9.70 -10.55
C3 DTT D . -1.83 -8.55 -11.69
O3 DTT D . -1.13 -7.76 -12.64
C4 DTT D . -2.17 -9.94 -12.20
S4 DTT D . -2.13 -10.03 -14.01
#